data_9D2Q
#
_entry.id   9D2Q
#
_cell.length_a   80.018
_cell.length_b   93.099
_cell.length_c   161.545
_cell.angle_alpha   90.000
_cell.angle_beta   90.000
_cell.angle_gamma   90.000
#
_symmetry.space_group_name_H-M   'I 2 2 2'
#
loop_
_entity.id
_entity.type
_entity.pdbx_description
1 polymer 'L-threonine dehydratase biosynthetic IlvA'
2 non-polymer GLYCEROL
3 non-polymer 'TRIETHYLENE GLYCOL'
4 non-polymer '4-(2-HYDROXYETHYL)-1-PIPERAZINE ETHANESULFONIC ACID'
5 water water
#
_entity_poly.entity_id   1
_entity_poly.type   'polypeptide(L)'
_entity_poly.pdbx_seq_one_letter_code
;MGSSHHHHHHSSGLVPRGSHADSQPLSGAPEGAEYLRAVLRAPVYEAAQVTPLQKMEKLSSRLDNVILVKREDRQPVHSF
(LLP)LRGAYAMMAGLTEEQKAHGVITASAGNHAQGVAFSSARLGVKALIVMPTATADIKVDAVRGFGGEVLLHGANFDE
AKAKAIELSQQQGFTWVPPFDHPMVIAGQGTLALELLQQDAHLDRVFVPVGGGGLAAGVAVLIKQLMPQIKVIAVEAEDS
ACLKAALDAGHPVDLPRVGLFAEGVAVKRIGDETFRLCQEYLDDIITVDSDAICAAMKDLFEDVRAVAEPSGALALAGMK
KYIALHNIRGERLAHILSGANVNFHGLRYVSERCELGEQREALLAVTIPEEKGSFLKFCQLLGGRSVTEFNYRFADAKNA
CIFVGVRLSRGLEERKEILQMLNDGGYSVVDLSDDEMAKLHVRYMVGGRPSHPLQERLYSFEFPESPGALLRFLNTLGTY
WNISLFHYRSHGTDYGRVLAAFELGDHEPDFETRLNELGYDCHDETNNPAFRFFLAG
;
_entity_poly.pdbx_strand_id   A
#
# COMPACT_ATOMS: atom_id res chain seq x y z
N PRO A 25 -25.85 28.56 4.82
CA PRO A 25 -24.51 28.11 5.26
C PRO A 25 -24.56 27.30 6.55
N LEU A 26 -24.05 26.07 6.51
CA LEU A 26 -24.06 25.20 7.68
C LEU A 26 -23.02 25.65 8.71
N SER A 27 -23.45 25.75 9.97
CA SER A 27 -22.54 26.11 11.05
C SER A 27 -22.87 25.29 12.29
N GLY A 28 -21.87 25.11 13.15
CA GLY A 28 -22.08 24.50 14.45
C GLY A 28 -22.29 22.99 14.42
N ALA A 29 -23.49 22.55 14.82
CA ALA A 29 -23.83 21.14 14.93
C ALA A 29 -25.18 20.91 14.27
N PRO A 30 -25.21 20.81 12.93
CA PRO A 30 -26.49 20.74 12.22
C PRO A 30 -27.25 19.44 12.49
N GLU A 31 -28.56 19.52 12.32
CA GLU A 31 -29.44 18.36 12.35
C GLU A 31 -29.24 17.50 11.10
N GLY A 32 -29.75 16.26 11.16
CA GLY A 32 -29.60 15.36 10.03
C GLY A 32 -30.28 15.87 8.78
N ALA A 33 -31.47 16.44 8.92
CA ALA A 33 -32.18 16.98 7.75
C ALA A 33 -31.43 18.17 7.15
N GLU A 34 -30.76 18.97 7.99
CA GLU A 34 -29.93 20.06 7.48
C GLU A 34 -28.72 19.54 6.71
N TYR A 35 -28.12 18.45 7.17
CA TYR A 35 -26.99 17.90 6.42
C TYR A 35 -27.47 17.35 5.08
N LEU A 36 -28.64 16.71 5.06
CA LEU A 36 -29.17 16.21 3.80
C LEU A 36 -29.35 17.35 2.81
N ARG A 37 -29.98 18.44 3.26
CA ARG A 37 -30.15 19.59 2.39
C ARG A 37 -28.81 20.12 1.89
N ALA A 38 -27.79 20.15 2.75
CA ALA A 38 -26.50 20.69 2.33
C ALA A 38 -25.77 19.75 1.38
N VAL A 39 -25.95 18.44 1.56
CA VAL A 39 -25.39 17.50 0.59
C VAL A 39 -26.01 17.72 -0.78
N LEU A 40 -27.35 17.84 -0.83
CA LEU A 40 -28.02 18.06 -2.10
C LEU A 40 -27.58 19.36 -2.75
N ARG A 41 -27.29 20.39 -1.94
CA ARG A 41 -26.93 21.70 -2.47
C ARG A 41 -25.44 21.87 -2.73
N ALA A 42 -24.61 20.94 -2.32
CA ALA A 42 -23.16 21.13 -2.48
C ALA A 42 -22.80 21.04 -3.95
N PRO A 43 -22.18 22.11 -4.54
CA PRO A 43 -21.94 22.17 -5.99
C PRO A 43 -20.68 21.43 -6.44
N VAL A 44 -20.51 20.21 -5.94
CA VAL A 44 -19.25 19.47 -6.10
C VAL A 44 -18.95 19.13 -7.55
N TYR A 45 -19.96 19.05 -8.43
CA TYR A 45 -19.71 18.62 -9.79
C TYR A 45 -19.15 19.73 -10.66
N GLU A 46 -18.95 20.92 -10.08
CA GLU A 46 -18.10 21.90 -10.74
C GLU A 46 -16.63 21.50 -10.69
N ALA A 47 -16.27 20.51 -9.86
CA ALA A 47 -14.88 20.08 -9.72
C ALA A 47 -14.75 18.56 -9.75
N ALA A 48 -15.51 17.89 -8.89
CA ALA A 48 -15.50 16.43 -8.79
C ALA A 48 -16.42 15.82 -9.85
N GLN A 49 -16.34 14.50 -9.97
CA GLN A 49 -17.16 13.79 -10.93
C GLN A 49 -17.81 12.58 -10.27
N VAL A 50 -18.91 12.11 -10.86
CA VAL A 50 -19.50 10.87 -10.39
C VAL A 50 -18.55 9.72 -10.71
N THR A 51 -18.15 8.98 -9.71
CA THR A 51 -17.18 7.91 -9.92
C THR A 51 -17.87 6.55 -10.01
N PRO A 52 -17.26 5.59 -10.68
CA PRO A 52 -17.93 4.30 -10.87
C PRO A 52 -18.07 3.51 -9.57
N LEU A 53 -19.10 2.68 -9.54
CA LEU A 53 -19.29 1.66 -8.52
C LEU A 53 -19.16 0.31 -9.24
N GLN A 54 -18.11 -0.44 -8.94
CA GLN A 54 -17.75 -1.62 -9.71
C GLN A 54 -17.82 -2.88 -8.86
N LYS A 55 -18.30 -3.98 -9.45
CA LYS A 55 -18.27 -5.26 -8.75
C LYS A 55 -16.86 -5.84 -8.82
N MET A 56 -16.37 -6.32 -7.68
CA MET A 56 -15.11 -7.05 -7.63
C MET A 56 -15.46 -8.52 -7.86
N GLU A 57 -15.25 -8.99 -9.10
CA GLU A 57 -15.80 -10.30 -9.49
C GLU A 57 -15.09 -11.44 -8.77
N LYS A 58 -13.75 -11.39 -8.71
CA LYS A 58 -13.02 -12.53 -8.12
C LYS A 58 -13.25 -12.60 -6.63
N LEU A 59 -13.18 -11.44 -5.94
CA LEU A 59 -13.38 -11.44 -4.50
C LEU A 59 -14.82 -11.79 -4.13
N SER A 60 -15.78 -11.31 -4.93
CA SER A 60 -17.18 -11.68 -4.71
C SER A 60 -17.37 -13.20 -4.76
N SER A 61 -16.70 -13.87 -5.70
CA SER A 61 -16.83 -15.32 -5.79
C SER A 61 -16.14 -15.99 -4.60
N ARG A 62 -14.96 -15.51 -4.22
CA ARG A 62 -14.24 -16.14 -3.13
C ARG A 62 -14.98 -15.97 -1.80
N LEU A 63 -15.56 -14.79 -1.56
CA LEU A 63 -16.13 -14.48 -0.25
C LEU A 63 -17.65 -14.65 -0.20
N ASP A 64 -18.29 -15.09 -1.28
CA ASP A 64 -19.73 -15.40 -1.29
C ASP A 64 -20.58 -14.17 -0.91
N ASN A 65 -20.19 -13.01 -1.42
CA ASN A 65 -20.98 -11.79 -1.29
C ASN A 65 -20.81 -11.00 -2.57
N VAL A 66 -21.70 -10.06 -2.81
CA VAL A 66 -21.51 -9.12 -3.91
C VAL A 66 -20.74 -7.93 -3.33
N ILE A 67 -19.46 -7.82 -3.71
CA ILE A 67 -18.55 -6.82 -3.17
C ILE A 67 -18.34 -5.75 -4.24
N LEU A 68 -18.63 -4.50 -3.89
CA LEU A 68 -18.60 -3.37 -4.81
C LEU A 68 -17.59 -2.34 -4.32
N VAL A 69 -16.88 -1.70 -5.25
CA VAL A 69 -15.88 -0.70 -4.90
C VAL A 69 -16.25 0.64 -5.51
N LYS A 70 -16.27 1.68 -4.68
CA LYS A 70 -16.54 3.05 -5.10
C LYS A 70 -15.20 3.69 -5.45
N ARG A 71 -15.03 4.08 -6.72
CA ARG A 71 -13.71 4.36 -7.29
C ARG A 71 -13.38 5.85 -7.22
N GLU A 72 -13.14 6.33 -6.00
CA GLU A 72 -12.74 7.73 -5.81
C GLU A 72 -11.32 8.01 -6.30
N ASP A 73 -10.54 6.99 -6.66
CA ASP A 73 -9.28 7.26 -7.35
C ASP A 73 -9.49 7.86 -8.73
N ARG A 74 -10.71 7.82 -9.26
CA ARG A 74 -10.99 8.37 -10.58
C ARG A 74 -11.24 9.88 -10.54
N GLN A 75 -11.26 10.52 -9.36
CA GLN A 75 -11.31 11.98 -9.30
C GLN A 75 -10.04 12.57 -9.91
N PRO A 76 -10.10 13.82 -10.39
CA PRO A 76 -8.90 14.42 -11.01
C PRO A 76 -7.70 14.53 -10.07
N VAL A 77 -7.91 14.60 -8.75
CA VAL A 77 -6.81 14.59 -7.80
C VAL A 77 -6.60 13.21 -7.20
N HIS A 78 -7.27 12.18 -7.74
CA HIS A 78 -7.06 10.78 -7.38
C HIS A 78 -7.44 10.47 -5.94
N SER A 79 -8.29 11.31 -5.34
CA SER A 79 -8.90 10.99 -4.05
C SER A 79 -10.23 11.73 -3.95
N PHE A 80 -11.03 11.34 -2.95
CA PHE A 80 -12.33 11.98 -2.71
C PHE A 80 -12.20 13.41 -2.19
N LEU A 82 -11.41 16.34 -2.99
CA LEU A 82 -11.85 17.57 -3.63
C LEU A 82 -13.32 17.84 -3.36
N ARG A 83 -14.11 16.82 -3.03
CA ARG A 83 -15.53 17.02 -2.74
C ARG A 83 -15.73 17.96 -1.56
N GLY A 84 -15.15 17.60 -0.42
CA GLY A 84 -15.32 18.43 0.77
C GLY A 84 -14.68 19.79 0.61
N ALA A 85 -13.52 19.86 -0.04
CA ALA A 85 -12.83 21.14 -0.16
C ALA A 85 -13.64 22.10 -1.04
N TYR A 86 -14.16 21.61 -2.16
CA TYR A 86 -14.94 22.48 -3.03
C TYR A 86 -16.22 22.94 -2.36
N ALA A 87 -16.91 22.04 -1.66
CA ALA A 87 -18.17 22.40 -1.00
C ALA A 87 -17.94 23.47 0.05
N MET A 88 -16.87 23.35 0.83
CA MET A 88 -16.60 24.35 1.84
C MET A 88 -16.17 25.67 1.20
N MET A 89 -15.28 25.60 0.21
CA MET A 89 -14.77 26.83 -0.39
C MET A 89 -15.85 27.55 -1.21
N ALA A 90 -16.72 26.79 -1.89
CA ALA A 90 -17.80 27.41 -2.64
C ALA A 90 -18.79 28.12 -1.72
N GLY A 91 -18.88 27.69 -0.47
CA GLY A 91 -19.79 28.31 0.47
C GLY A 91 -19.26 29.52 1.21
N LEU A 92 -18.03 29.93 0.95
CA LEU A 92 -17.48 31.11 1.61
C LEU A 92 -18.12 32.39 1.05
N THR A 93 -18.04 33.47 1.83
CA THR A 93 -18.56 34.75 1.36
C THR A 93 -17.66 35.32 0.27
N GLU A 94 -18.19 36.32 -0.45
CA GLU A 94 -17.42 36.96 -1.50
C GLU A 94 -16.17 37.62 -0.94
N GLU A 95 -16.26 38.18 0.28
CA GLU A 95 -15.07 38.80 0.87
C GLU A 95 -14.04 37.75 1.27
N GLN A 96 -14.49 36.65 1.87
CA GLN A 96 -13.59 35.55 2.17
C GLN A 96 -12.91 35.03 0.92
N LYS A 97 -13.69 34.84 -0.15
CA LYS A 97 -13.11 34.37 -1.41
C LYS A 97 -12.11 35.38 -1.97
N ALA A 98 -12.40 36.67 -1.81
CA ALA A 98 -11.47 37.69 -2.31
C ALA A 98 -10.17 37.69 -1.53
N HIS A 99 -10.21 37.34 -0.24
CA HIS A 99 -8.99 37.32 0.56
C HIS A 99 -8.21 36.02 0.42
N GLY A 100 -8.79 35.01 -0.23
CA GLY A 100 -8.10 33.77 -0.49
C GLY A 100 -8.30 32.73 0.62
N VAL A 101 -7.83 31.52 0.35
CA VAL A 101 -7.91 30.41 1.29
C VAL A 101 -6.49 29.91 1.54
N ILE A 102 -6.34 29.14 2.61
CA ILE A 102 -5.04 28.62 3.00
C ILE A 102 -5.26 27.27 3.67
N THR A 103 -4.28 26.38 3.54
CA THR A 103 -4.25 25.18 4.36
C THR A 103 -2.79 24.76 4.52
N ALA A 104 -2.57 23.72 5.32
CA ALA A 104 -1.25 23.13 5.49
C ALA A 104 -1.37 21.63 5.23
N SER A 105 -0.66 21.15 4.21
CA SER A 105 -0.74 19.75 3.80
C SER A 105 0.24 19.55 2.66
N ALA A 106 0.86 18.38 2.62
CA ALA A 106 1.63 17.98 1.45
C ALA A 106 0.98 16.82 0.72
N GLY A 107 -0.25 16.46 1.10
CA GLY A 107 -0.90 15.26 0.60
C GLY A 107 -2.23 15.47 -0.09
N ASN A 108 -3.18 14.55 0.10
CA ASN A 108 -4.40 14.57 -0.71
C ASN A 108 -5.24 15.83 -0.44
N HIS A 109 -5.27 16.31 0.79
CA HIS A 109 -6.04 17.52 1.07
C HIS A 109 -5.49 18.72 0.32
N ALA A 110 -4.16 18.87 0.30
CA ALA A 110 -3.54 19.96 -0.44
C ALA A 110 -3.97 19.94 -1.90
N GLN A 111 -3.97 18.76 -2.52
CA GLN A 111 -4.36 18.69 -3.92
C GLN A 111 -5.82 19.08 -4.08
N GLY A 112 -6.67 18.59 -3.19
CA GLY A 112 -8.09 18.93 -3.27
C GLY A 112 -8.32 20.43 -3.18
N VAL A 113 -7.63 21.08 -2.23
CA VAL A 113 -7.77 22.52 -2.08
C VAL A 113 -7.23 23.24 -3.30
N ALA A 114 -6.08 22.81 -3.81
CA ALA A 114 -5.47 23.51 -4.94
C ALA A 114 -6.36 23.40 -6.18
N PHE A 115 -6.88 22.20 -6.44
CA PHE A 115 -7.73 22.00 -7.61
C PHE A 115 -9.03 22.78 -7.48
N SER A 116 -9.66 22.76 -6.29
CA SER A 116 -10.90 23.50 -6.09
C SER A 116 -10.69 24.99 -6.30
N SER A 117 -9.57 25.53 -5.82
CA SER A 117 -9.32 26.96 -5.93
C SER A 117 -9.14 27.37 -7.39
N ALA A 118 -8.54 26.49 -8.20
CA ALA A 118 -8.47 26.76 -9.63
C ALA A 118 -9.86 26.75 -10.26
N ARG A 119 -10.71 25.81 -9.84
CA ARG A 119 -12.06 25.74 -10.41
C ARG A 119 -12.94 26.89 -9.93
N LEU A 120 -12.79 27.30 -8.67
CA LEU A 120 -13.58 28.41 -8.14
C LEU A 120 -13.06 29.77 -8.57
N GLY A 121 -11.80 29.86 -8.99
CA GLY A 121 -11.22 31.16 -9.27
C GLY A 121 -10.81 31.93 -8.02
N VAL A 122 -10.25 31.24 -7.03
CA VAL A 122 -9.89 31.82 -5.74
C VAL A 122 -8.42 31.53 -5.45
N LYS A 123 -7.72 32.48 -4.85
CA LYS A 123 -6.33 32.27 -4.46
C LYS A 123 -6.26 31.24 -3.33
N ALA A 124 -5.38 30.23 -3.50
CA ALA A 124 -5.15 29.24 -2.46
C ALA A 124 -3.67 29.19 -2.16
N LEU A 125 -3.31 29.37 -0.90
CA LEU A 125 -1.94 29.18 -0.43
C LEU A 125 -1.87 27.87 0.34
N ILE A 126 -0.93 27.01 -0.04
CA ILE A 126 -0.74 25.73 0.65
C ILE A 126 0.66 25.76 1.27
N VAL A 127 0.74 25.63 2.59
CA VAL A 127 2.01 25.64 3.29
C VAL A 127 2.44 24.19 3.52
N MET A 128 3.68 23.87 3.17
CA MET A 128 4.20 22.51 3.35
C MET A 128 5.61 22.61 3.91
N PRO A 129 6.03 21.61 4.70
CA PRO A 129 7.40 21.61 5.23
C PRO A 129 8.43 21.76 4.12
N THR A 130 9.58 22.36 4.48
CA THR A 130 10.60 22.65 3.48
C THR A 130 11.18 21.38 2.87
N ALA A 131 11.13 20.26 3.58
CA ALA A 131 11.69 19.01 3.11
C ALA A 131 10.73 18.19 2.25
N THR A 132 9.55 18.73 1.94
CA THR A 132 8.61 18.03 1.09
C THR A 132 9.22 17.68 -0.25
N ALA A 133 9.02 16.44 -0.69
CA ALA A 133 9.54 16.01 -1.98
C ALA A 133 9.04 16.91 -3.09
N ASP A 134 9.93 17.21 -4.04
CA ASP A 134 9.57 18.11 -5.13
C ASP A 134 8.35 17.63 -5.90
N ILE A 135 8.16 16.31 -6.02
CA ILE A 135 7.06 15.79 -6.82
C ILE A 135 5.72 16.10 -6.17
N LYS A 136 5.67 16.09 -4.83
CA LYS A 136 4.45 16.49 -4.13
C LYS A 136 4.21 17.98 -4.29
N VAL A 137 5.27 18.79 -4.20
CA VAL A 137 5.13 20.23 -4.37
C VAL A 137 4.63 20.57 -5.76
N ASP A 138 5.20 19.94 -6.78
CA ASP A 138 4.80 20.30 -8.15
C ASP A 138 3.42 19.77 -8.48
N ALA A 139 3.02 18.64 -7.90
CA ALA A 139 1.64 18.17 -8.06
C ALA A 139 0.65 19.22 -7.60
N VAL A 140 0.88 19.80 -6.42
CA VAL A 140 -0.03 20.81 -5.90
C VAL A 140 0.02 22.07 -6.75
N ARG A 141 1.23 22.53 -7.11
CA ARG A 141 1.32 23.68 -8.00
C ARG A 141 0.62 23.41 -9.32
N GLY A 142 0.74 22.18 -9.84
CA GLY A 142 0.11 21.85 -11.10
C GLY A 142 -1.41 21.86 -11.03
N PHE A 143 -1.97 21.60 -9.85
CA PHE A 143 -3.42 21.67 -9.67
C PHE A 143 -3.93 23.09 -9.50
N GLY A 144 -3.05 24.06 -9.28
CA GLY A 144 -3.44 25.45 -9.26
C GLY A 144 -3.24 26.20 -7.96
N GLY A 145 -2.55 25.59 -6.99
CA GLY A 145 -2.32 26.23 -5.71
C GLY A 145 -0.96 26.88 -5.64
N GLU A 146 -0.88 28.01 -4.93
CA GLU A 146 0.42 28.58 -4.62
C GLU A 146 0.97 27.86 -3.39
N VAL A 147 2.24 27.47 -3.44
CA VAL A 147 2.86 26.68 -2.38
C VAL A 147 3.91 27.54 -1.67
N LEU A 148 3.88 27.49 -0.33
CA LEU A 148 4.92 28.11 0.48
C LEU A 148 5.62 27.02 1.27
N LEU A 149 6.92 26.86 1.04
CA LEU A 149 7.68 25.90 1.81
C LEU A 149 8.11 26.55 3.11
N HIS A 150 7.69 25.98 4.24
CA HIS A 150 8.02 26.55 5.54
C HIS A 150 7.92 25.48 6.61
N GLY A 151 8.95 25.36 7.42
CA GLY A 151 8.86 24.52 8.60
C GLY A 151 9.69 23.26 8.52
N ALA A 152 10.25 22.86 9.66
CA ALA A 152 10.96 21.60 9.80
C ALA A 152 10.06 20.37 9.81
N ASN A 153 8.75 20.54 9.96
CA ASN A 153 7.82 19.42 10.06
C ASN A 153 6.40 19.95 9.83
N PHE A 154 5.43 19.04 9.82
CA PHE A 154 4.06 19.44 9.53
C PHE A 154 3.54 20.43 10.56
N ASP A 155 3.86 20.23 11.84
CA ASP A 155 3.35 21.13 12.88
C ASP A 155 3.82 22.55 12.65
N GLU A 156 5.07 22.73 12.22
CA GLU A 156 5.56 24.09 11.95
C GLU A 156 4.94 24.66 10.69
N ALA A 157 4.66 23.81 9.69
CA ALA A 157 3.94 24.29 8.51
C ALA A 157 2.55 24.75 8.86
N LYS A 158 1.86 23.98 9.72
CA LYS A 158 0.49 24.36 10.10
C LYS A 158 0.49 25.64 10.94
N ALA A 159 1.45 25.80 11.85
CA ALA A 159 1.50 27.03 12.63
C ALA A 159 1.68 28.24 11.72
N LYS A 160 2.52 28.11 10.67
CA LYS A 160 2.71 29.24 9.76
C LYS A 160 1.43 29.54 8.98
N ALA A 161 0.74 28.49 8.51
CA ALA A 161 -0.53 28.71 7.81
C ALA A 161 -1.52 29.45 8.70
N ILE A 162 -1.63 29.04 9.97
CA ILE A 162 -2.57 29.69 10.88
C ILE A 162 -2.17 31.14 11.12
N GLU A 163 -0.87 31.39 11.29
CA GLU A 163 -0.42 32.77 11.47
C GLU A 163 -0.71 33.61 10.23
N LEU A 164 -0.50 33.06 9.03
CA LEU A 164 -0.83 33.81 7.82
C LEU A 164 -2.33 34.06 7.71
N SER A 165 -3.13 33.09 8.16
CA SER A 165 -4.56 33.28 8.23
C SER A 165 -4.93 34.48 9.09
N GLN A 166 -4.25 34.64 10.21
CA GLN A 166 -4.52 35.78 11.08
C GLN A 166 -4.02 37.07 10.46
N GLN A 167 -2.77 37.09 10.00
CA GLN A 167 -2.16 38.34 9.52
C GLN A 167 -2.78 38.82 8.22
N GLN A 168 -3.08 37.92 7.27
CA GLN A 168 -3.50 38.33 5.94
C GLN A 168 -4.95 38.00 5.60
N GLY A 169 -5.67 37.32 6.49
CA GLY A 169 -7.09 37.11 6.26
C GLY A 169 -7.45 35.95 5.36
N PHE A 170 -6.51 35.05 5.06
CA PHE A 170 -6.87 33.80 4.40
C PHE A 170 -7.82 32.99 5.28
N THR A 171 -8.81 32.37 4.65
CA THR A 171 -9.70 31.45 5.35
C THR A 171 -9.08 30.05 5.39
N TRP A 172 -8.90 29.51 6.59
CA TRP A 172 -8.39 28.14 6.72
C TRP A 172 -9.37 27.11 6.17
N VAL A 173 -8.89 26.17 5.38
CA VAL A 173 -9.73 25.09 4.85
C VAL A 173 -9.35 23.80 5.58
N PRO A 174 -10.23 23.28 6.44
CA PRO A 174 -9.84 22.14 7.26
C PRO A 174 -9.96 20.84 6.50
N PRO A 175 -9.13 19.84 6.83
CA PRO A 175 -9.19 18.57 6.10
C PRO A 175 -10.43 17.73 6.43
N PHE A 176 -11.06 17.93 7.58
CA PHE A 176 -12.24 17.12 7.88
C PHE A 176 -13.24 17.77 8.82
N ASP A 177 -12.78 18.57 9.79
CA ASP A 177 -13.63 18.93 10.93
C ASP A 177 -14.42 20.20 10.65
N HIS A 178 -15.38 20.08 9.72
CA HIS A 178 -16.18 21.25 9.32
C HIS A 178 -17.46 20.77 8.64
N PRO A 179 -18.63 21.31 9.04
CA PRO A 179 -19.89 20.78 8.47
C PRO A 179 -19.98 20.84 6.95
N MET A 180 -19.40 21.87 6.30
CA MET A 180 -19.48 21.90 4.85
C MET A 180 -18.50 20.93 4.20
N VAL A 181 -17.35 20.67 4.81
CA VAL A 181 -16.47 19.60 4.33
C VAL A 181 -17.18 18.25 4.43
N ILE A 182 -17.85 18.03 5.56
CA ILE A 182 -18.59 16.77 5.77
C ILE A 182 -19.71 16.63 4.74
N ALA A 183 -20.47 17.71 4.53
CA ALA A 183 -21.54 17.67 3.53
C ALA A 183 -20.98 17.38 2.14
N GLY A 184 -19.83 17.97 1.82
CA GLY A 184 -19.19 17.65 0.55
C GLY A 184 -18.85 16.17 0.42
N GLN A 185 -18.23 15.60 1.45
CA GLN A 185 -17.94 14.17 1.36
C GLN A 185 -19.22 13.36 1.25
N GLY A 186 -20.33 13.84 1.81
CA GLY A 186 -21.61 13.15 1.74
C GLY A 186 -22.14 12.97 0.34
N THR A 187 -21.71 13.80 -0.61
CA THR A 187 -22.17 13.62 -1.99
C THR A 187 -21.76 12.25 -2.54
N LEU A 188 -20.66 11.68 -2.02
CA LEU A 188 -20.25 10.35 -2.46
C LEU A 188 -21.30 9.31 -2.12
N ALA A 189 -21.92 9.43 -0.93
CA ALA A 189 -22.94 8.48 -0.52
C ALA A 189 -24.26 8.71 -1.26
N LEU A 190 -24.54 9.96 -1.64
CA LEU A 190 -25.72 10.23 -2.45
C LEU A 190 -25.61 9.58 -3.83
N GLU A 191 -24.41 9.57 -4.41
CA GLU A 191 -24.21 8.80 -5.63
C GLU A 191 -24.36 7.31 -5.36
N LEU A 192 -23.70 6.84 -4.30
CA LEU A 192 -23.67 5.41 -3.98
C LEU A 192 -25.07 4.81 -3.90
N LEU A 193 -25.97 5.47 -3.17
CA LEU A 193 -27.33 4.93 -2.98
C LEU A 193 -28.13 4.93 -4.27
N GLN A 194 -27.79 5.79 -5.22
CA GLN A 194 -28.44 5.74 -6.51
C GLN A 194 -27.77 4.78 -7.48
N GLN A 195 -26.51 4.44 -7.24
CA GLN A 195 -25.84 3.47 -8.10
C GLN A 195 -26.17 2.04 -7.71
N ASP A 196 -26.44 1.79 -6.42
CA ASP A 196 -26.95 0.50 -5.98
C ASP A 196 -27.88 0.77 -4.80
N ALA A 197 -29.17 0.87 -5.10
CA ALA A 197 -30.15 1.13 -4.06
C ALA A 197 -30.48 -0.12 -3.25
N HIS A 198 -29.81 -1.25 -3.51
CA HIS A 198 -30.03 -2.48 -2.77
C HIS A 198 -28.83 -2.86 -1.90
N LEU A 199 -27.99 -1.90 -1.55
CA LEU A 199 -26.83 -2.19 -0.70
C LEU A 199 -27.29 -2.63 0.68
N ASP A 200 -26.51 -3.54 1.27
CA ASP A 200 -26.73 -3.96 2.64
C ASP A 200 -25.84 -3.22 3.64
N ARG A 201 -24.55 -3.04 3.33
CA ARG A 201 -23.61 -2.43 4.26
C ARG A 201 -22.54 -1.70 3.47
N VAL A 202 -22.02 -0.62 4.07
CA VAL A 202 -20.99 0.24 3.47
C VAL A 202 -19.84 0.37 4.46
N PHE A 203 -18.61 0.17 3.98
CA PHE A 203 -17.41 0.27 4.80
C PHE A 203 -16.62 1.50 4.40
N VAL A 204 -16.16 2.27 5.39
CA VAL A 204 -15.56 3.58 5.17
C VAL A 204 -14.26 3.70 5.95
N PRO A 205 -13.18 4.18 5.33
CA PRO A 205 -11.94 4.41 6.09
C PRO A 205 -12.08 5.67 6.93
N VAL A 206 -11.38 5.69 8.06
CA VAL A 206 -11.49 6.82 8.98
C VAL A 206 -10.10 7.35 9.30
N GLY A 207 -9.83 8.59 8.88
CA GLY A 207 -8.72 9.37 9.37
C GLY A 207 -9.19 10.30 10.45
N GLY A 208 -9.58 11.53 10.08
CA GLY A 208 -10.22 12.44 11.02
C GLY A 208 -11.73 12.33 11.09
N GLY A 209 -12.33 11.59 10.16
CA GLY A 209 -13.74 11.29 10.24
C GLY A 209 -14.66 12.04 9.32
N GLY A 210 -14.13 12.88 8.41
CA GLY A 210 -15.01 13.67 7.57
C GLY A 210 -15.74 12.79 6.56
N LEU A 211 -15.03 11.88 5.94
CA LEU A 211 -15.66 10.97 5.00
C LEU A 211 -16.74 10.12 5.70
N ALA A 212 -16.38 9.48 6.81
CA ALA A 212 -17.34 8.61 7.49
C ALA A 212 -18.52 9.40 8.03
N ALA A 213 -18.27 10.60 8.56
CA ALA A 213 -19.37 11.42 9.05
C ALA A 213 -20.32 11.76 7.92
N GLY A 214 -19.77 12.17 6.77
CA GLY A 214 -20.63 12.56 5.66
C GLY A 214 -21.40 11.39 5.09
N VAL A 215 -20.73 10.24 4.93
CA VAL A 215 -21.40 9.07 4.38
C VAL A 215 -22.49 8.59 5.33
N ALA A 216 -22.16 8.50 6.62
CA ALA A 216 -23.14 7.97 7.57
C ALA A 216 -24.33 8.91 7.72
N VAL A 217 -24.10 10.23 7.85
CA VAL A 217 -25.27 11.06 8.06
C VAL A 217 -26.18 11.04 6.84
N LEU A 218 -25.61 10.98 5.63
CA LEU A 218 -26.47 10.98 4.46
C LEU A 218 -27.23 9.67 4.34
N ILE A 219 -26.54 8.55 4.49
CA ILE A 219 -27.20 7.25 4.34
C ILE A 219 -28.34 7.12 5.36
N LYS A 220 -28.11 7.57 6.59
CA LYS A 220 -29.15 7.42 7.59
C LYS A 220 -30.32 8.36 7.39
N GLN A 221 -30.19 9.40 6.54
CA GLN A 221 -31.35 10.19 6.17
C GLN A 221 -32.19 9.50 5.10
N LEU A 222 -31.53 8.80 4.17
CA LEU A 222 -32.19 8.27 2.98
C LEU A 222 -32.57 6.81 3.10
N MET A 223 -31.66 5.96 3.56
CA MET A 223 -31.90 4.52 3.68
C MET A 223 -31.26 4.02 4.97
N PRO A 224 -31.89 4.33 6.11
CA PRO A 224 -31.25 4.05 7.40
C PRO A 224 -31.07 2.57 7.71
N GLN A 225 -31.73 1.67 6.97
CA GLN A 225 -31.51 0.24 7.17
C GLN A 225 -30.12 -0.19 6.71
N ILE A 226 -29.44 0.59 5.88
CA ILE A 226 -28.08 0.26 5.47
C ILE A 226 -27.14 0.44 6.66
N LYS A 227 -26.29 -0.56 6.88
CA LYS A 227 -25.29 -0.46 7.94
C LYS A 227 -24.05 0.26 7.44
N VAL A 228 -23.52 1.16 8.27
CA VAL A 228 -22.31 1.91 7.92
C VAL A 228 -21.25 1.55 8.95
N ILE A 229 -20.11 1.04 8.47
CA ILE A 229 -19.07 0.51 9.34
C ILE A 229 -17.79 1.30 9.08
N ALA A 230 -17.23 1.85 10.14
CA ALA A 230 -15.94 2.52 10.05
C ALA A 230 -14.83 1.50 10.13
N VAL A 231 -13.77 1.75 9.36
CA VAL A 231 -12.57 0.92 9.36
C VAL A 231 -11.38 1.81 9.69
N GLU A 232 -10.62 1.43 10.70
CA GLU A 232 -9.40 2.13 11.05
C GLU A 232 -8.22 1.18 11.00
N ALA A 233 -7.04 1.75 10.75
CA ALA A 233 -5.80 1.02 10.96
C ALA A 233 -5.58 0.88 12.46
N GLU A 234 -5.22 -0.34 12.89
CA GLU A 234 -5.10 -0.58 14.33
C GLU A 234 -4.08 0.36 14.98
N ASP A 235 -3.06 0.78 14.24
CA ASP A 235 -2.06 1.67 14.79
C ASP A 235 -2.36 3.14 14.51
N SER A 236 -3.57 3.45 14.06
CA SER A 236 -3.99 4.83 13.87
C SER A 236 -5.50 4.92 14.10
N ALA A 237 -5.94 4.44 15.26
CA ALA A 237 -7.37 4.22 15.51
C ALA A 237 -7.92 5.29 16.44
N CYS A 238 -7.93 6.53 15.98
CA CYS A 238 -8.34 7.61 16.86
C CYS A 238 -9.86 7.65 17.04
N LEU A 239 -10.63 7.19 16.05
CA LEU A 239 -12.08 7.09 16.26
C LEU A 239 -12.40 6.02 17.29
N LYS A 240 -11.78 4.85 17.19
CA LYS A 240 -12.03 3.83 18.21
C LYS A 240 -11.64 4.32 19.60
N ALA A 241 -10.48 4.95 19.72
CA ALA A 241 -10.09 5.55 21.00
C ALA A 241 -11.14 6.54 21.51
N ALA A 242 -11.64 7.39 20.62
CA ALA A 242 -12.64 8.38 21.04
C ALA A 242 -13.95 7.72 21.43
N LEU A 243 -14.37 6.71 20.67
CA LEU A 243 -15.58 5.99 21.03
C LEU A 243 -15.45 5.33 22.40
N ASP A 244 -14.27 4.79 22.69
CA ASP A 244 -14.07 4.15 24.00
C ASP A 244 -14.10 5.17 25.13
N ALA A 245 -13.62 6.38 24.88
CA ALA A 245 -13.55 7.40 25.93
C ALA A 245 -14.81 8.24 26.02
N GLY A 246 -15.60 8.29 24.95
CA GLY A 246 -16.79 9.12 24.92
C GLY A 246 -16.58 10.51 24.37
N HIS A 247 -15.39 10.82 23.85
CA HIS A 247 -15.06 12.15 23.36
C HIS A 247 -13.71 12.05 22.64
N PRO A 248 -13.41 13.02 21.77
CA PRO A 248 -12.10 13.01 21.10
C PRO A 248 -10.96 12.95 22.11
N VAL A 249 -9.89 12.23 21.74
CA VAL A 249 -8.72 12.06 22.59
C VAL A 249 -7.50 12.00 21.66
N ASP A 250 -6.35 12.36 22.21
CA ASP A 250 -5.11 12.29 21.43
C ASP A 250 -4.53 10.89 21.46
N LEU A 251 -4.17 10.38 20.29
CA LEU A 251 -3.34 9.19 20.27
C LEU A 251 -1.89 9.58 20.59
N PRO A 252 -1.20 8.80 21.43
CA PRO A 252 0.22 9.08 21.64
C PRO A 252 1.06 8.87 20.40
N ARG A 253 0.75 7.84 19.62
CA ARG A 253 1.49 7.50 18.42
C ARG A 253 0.52 7.16 17.31
N VAL A 254 0.98 7.37 16.08
CA VAL A 254 0.21 7.07 14.88
C VAL A 254 1.13 6.40 13.87
N GLY A 255 0.71 5.25 13.34
CA GLY A 255 1.49 4.59 12.31
C GLY A 255 1.49 5.41 11.03
N LEU A 256 2.60 5.36 10.29
CA LEU A 256 2.78 6.22 9.13
C LEU A 256 2.62 5.49 7.80
N PHE A 257 2.36 4.18 7.82
CA PHE A 257 2.18 3.44 6.57
C PHE A 257 1.01 3.98 5.76
N ALA A 258 -0.13 4.20 6.41
CA ALA A 258 -1.33 4.74 5.76
C ALA A 258 -1.40 6.24 6.07
N GLU A 259 -0.82 7.05 5.18
CA GLU A 259 -0.64 8.47 5.46
C GLU A 259 -1.98 9.20 5.58
N GLY A 260 -2.93 8.90 4.70
CA GLY A 260 -4.20 9.62 4.70
C GLY A 260 -5.00 9.48 5.98
N VAL A 261 -4.81 8.38 6.73
CA VAL A 261 -5.52 8.19 7.99
C VAL A 261 -4.61 8.38 9.19
N ALA A 262 -3.40 8.92 8.98
CA ALA A 262 -2.44 9.14 10.04
C ALA A 262 -2.83 10.38 10.85
N VAL A 263 -3.93 10.27 11.59
CA VAL A 263 -4.53 11.38 12.32
C VAL A 263 -4.55 11.03 13.80
N LYS A 264 -4.03 11.92 14.64
CA LYS A 264 -3.92 11.60 16.06
C LYS A 264 -5.20 11.86 16.85
N ARG A 265 -6.09 12.70 16.34
CA ARG A 265 -7.26 13.09 17.12
C ARG A 265 -8.46 13.22 16.20
N ILE A 266 -9.56 12.57 16.55
CA ILE A 266 -10.76 12.66 15.73
C ILE A 266 -11.31 14.09 15.80
N GLY A 267 -12.00 14.51 14.74
CA GLY A 267 -12.62 15.83 14.76
C GLY A 267 -13.77 15.89 15.75
N ASP A 268 -14.07 17.12 16.21
CA ASP A 268 -15.16 17.29 17.17
C ASP A 268 -16.50 17.04 16.50
N GLU A 269 -16.72 17.66 15.34
CA GLU A 269 -18.01 17.51 14.68
C GLU A 269 -18.09 16.17 13.96
N THR A 270 -16.98 15.68 13.40
CA THR A 270 -17.01 14.34 12.81
C THR A 270 -17.26 13.29 13.87
N PHE A 271 -16.72 13.46 15.08
CA PHE A 271 -17.00 12.50 16.13
C PHE A 271 -18.47 12.50 16.50
N ARG A 272 -19.07 13.69 16.63
CA ARG A 272 -20.48 13.74 16.98
C ARG A 272 -21.31 12.92 16.01
N LEU A 273 -21.03 13.05 14.71
CA LEU A 273 -21.82 12.35 13.71
C LEU A 273 -21.48 10.86 13.70
N CYS A 274 -20.21 10.51 13.82
CA CYS A 274 -19.84 9.09 13.77
C CYS A 274 -20.40 8.34 14.98
N GLN A 275 -20.34 8.97 16.15
CA GLN A 275 -20.91 8.34 17.34
C GLN A 275 -22.42 8.12 17.18
N GLU A 276 -23.10 9.01 16.48
CA GLU A 276 -24.54 8.90 16.38
C GLU A 276 -24.99 7.99 15.25
N TYR A 277 -24.31 8.01 14.10
CA TYR A 277 -24.86 7.37 12.92
C TYR A 277 -24.10 6.12 12.46
N LEU A 278 -22.94 5.81 13.02
CA LEU A 278 -22.24 4.59 12.60
C LEU A 278 -22.87 3.40 13.27
N ASP A 279 -22.84 2.27 12.58
CA ASP A 279 -23.35 1.04 13.16
C ASP A 279 -22.25 0.17 13.77
N ASP A 280 -21.01 0.28 13.29
CA ASP A 280 -19.96 -0.55 13.86
C ASP A 280 -18.62 0.02 13.44
N ILE A 281 -17.56 -0.56 14.01
CA ILE A 281 -16.19 -0.16 13.71
C ILE A 281 -15.33 -1.41 13.79
N ILE A 282 -14.31 -1.47 12.95
CA ILE A 282 -13.37 -2.58 12.97
C ILE A 282 -11.99 -2.04 12.64
N THR A 283 -10.95 -2.67 13.18
CA THR A 283 -9.58 -2.29 12.89
C THR A 283 -8.84 -3.45 12.22
N VAL A 284 -7.82 -3.11 11.43
CA VAL A 284 -7.01 -4.07 10.70
C VAL A 284 -5.54 -3.65 10.77
N ASP A 285 -4.65 -4.62 10.56
CA ASP A 285 -3.22 -4.32 10.61
C ASP A 285 -2.68 -4.04 9.20
N SER A 286 -1.41 -3.64 9.12
CA SER A 286 -0.84 -3.22 7.85
C SER A 286 -0.80 -4.36 6.83
N ASP A 287 -0.52 -5.58 7.27
CA ASP A 287 -0.47 -6.68 6.31
C ASP A 287 -1.84 -6.92 5.68
N ALA A 288 -2.93 -6.70 6.44
CA ALA A 288 -4.24 -6.85 5.84
C ALA A 288 -4.50 -5.76 4.80
N ILE A 289 -4.04 -4.54 5.07
CA ILE A 289 -4.14 -3.47 4.08
C ILE A 289 -3.36 -3.84 2.83
N CYS A 290 -2.16 -4.41 3.00
CA CYS A 290 -1.37 -4.87 1.87
C CYS A 290 -2.13 -5.87 1.02
N ALA A 291 -2.73 -6.88 1.66
CA ALA A 291 -3.46 -7.88 0.90
C ALA A 291 -4.66 -7.26 0.19
N ALA A 292 -5.31 -6.27 0.80
CA ALA A 292 -6.42 -5.60 0.14
C ALA A 292 -5.94 -4.79 -1.06
N MET A 293 -4.75 -4.18 -0.97
CA MET A 293 -4.19 -3.49 -2.14
C MET A 293 -4.00 -4.44 -3.31
N LYS A 294 -3.47 -5.64 -3.05
CA LYS A 294 -3.30 -6.61 -4.12
C LYS A 294 -4.66 -7.06 -4.67
N ASP A 295 -5.64 -7.29 -3.79
CA ASP A 295 -6.99 -7.66 -4.24
C ASP A 295 -7.53 -6.63 -5.23
N LEU A 296 -7.43 -5.35 -4.87
CA LEU A 296 -7.99 -4.30 -5.73
C LEU A 296 -7.28 -4.26 -7.07
N PHE A 297 -5.97 -4.48 -7.09
CA PHE A 297 -5.26 -4.46 -8.36
C PHE A 297 -5.63 -5.67 -9.21
N GLU A 298 -5.80 -6.83 -8.60
CA GLU A 298 -6.10 -8.02 -9.37
C GLU A 298 -7.52 -8.00 -9.90
N ASP A 299 -8.45 -7.38 -9.16
CA ASP A 299 -9.84 -7.50 -9.54
C ASP A 299 -10.29 -6.40 -10.49
N VAL A 300 -9.93 -5.14 -10.21
CA VAL A 300 -10.35 -4.01 -11.03
C VAL A 300 -9.16 -3.22 -11.59
N ARG A 301 -7.95 -3.76 -11.47
CA ARG A 301 -6.75 -3.14 -12.03
C ARG A 301 -6.59 -1.70 -11.54
N ALA A 302 -6.93 -1.48 -10.28
CA ALA A 302 -6.76 -0.18 -9.65
C ALA A 302 -5.65 -0.25 -8.61
N VAL A 303 -4.82 0.80 -8.56
CA VAL A 303 -3.86 0.95 -7.48
C VAL A 303 -4.51 1.80 -6.41
N ALA A 304 -4.60 1.27 -5.21
CA ALA A 304 -5.03 2.04 -4.05
C ALA A 304 -3.83 2.36 -3.19
N GLU A 305 -3.78 3.59 -2.66
CA GLU A 305 -2.84 3.84 -1.58
C GLU A 305 -3.30 3.08 -0.35
N PRO A 306 -2.44 2.90 0.66
CA PRO A 306 -2.86 2.11 1.83
C PRO A 306 -4.15 2.60 2.45
N SER A 307 -4.36 3.92 2.58
CA SER A 307 -5.64 4.39 3.12
C SER A 307 -6.79 4.09 2.18
N GLY A 308 -6.53 4.04 0.88
CA GLY A 308 -7.58 3.73 -0.08
C GLY A 308 -8.04 2.28 -0.07
N ALA A 309 -7.20 1.36 0.42
CA ALA A 309 -7.58 -0.06 0.50
C ALA A 309 -7.99 -0.46 1.91
N LEU A 310 -7.96 0.48 2.84
CA LEU A 310 -8.24 0.16 4.24
C LEU A 310 -9.66 -0.35 4.42
N ALA A 311 -10.63 0.28 3.76
CA ALA A 311 -12.02 -0.11 3.95
C ALA A 311 -12.27 -1.54 3.45
N LEU A 312 -11.63 -1.93 2.34
CA LEU A 312 -11.77 -3.31 1.87
C LEU A 312 -11.17 -4.29 2.87
N ALA A 313 -10.01 -3.95 3.43
CA ALA A 313 -9.39 -4.82 4.41
C ALA A 313 -10.32 -5.02 5.61
N GLY A 314 -10.99 -3.95 6.05
CA GLY A 314 -11.96 -4.10 7.12
C GLY A 314 -13.15 -4.96 6.71
N MET A 315 -13.65 -4.74 5.50
CA MET A 315 -14.79 -5.53 5.04
C MET A 315 -14.48 -7.02 5.04
N LYS A 316 -13.28 -7.39 4.56
CA LYS A 316 -12.93 -8.81 4.53
C LYS A 316 -12.88 -9.40 5.94
N LYS A 317 -12.31 -8.65 6.89
CA LYS A 317 -12.27 -9.11 8.27
C LYS A 317 -13.68 -9.22 8.86
N TYR A 318 -14.55 -8.27 8.50
CA TYR A 318 -15.91 -8.23 9.04
C TYR A 318 -16.74 -9.38 8.49
N ILE A 319 -16.57 -9.68 7.19
CA ILE A 319 -17.28 -10.81 6.58
C ILE A 319 -16.98 -12.09 7.33
N ALA A 320 -15.71 -12.34 7.63
CA ALA A 320 -15.34 -13.57 8.31
C ALA A 320 -15.81 -13.55 9.76
N LEU A 321 -15.64 -12.42 10.44
CA LEU A 321 -16.03 -12.33 11.85
C LEU A 321 -17.52 -12.65 12.03
N HIS A 322 -18.37 -12.19 11.12
CA HIS A 322 -19.80 -12.28 11.29
C HIS A 322 -20.44 -13.28 10.34
N ASN A 323 -19.66 -14.08 9.62
CA ASN A 323 -20.17 -15.08 8.69
C ASN A 323 -21.18 -14.47 7.72
N ILE A 324 -20.84 -13.31 7.17
CA ILE A 324 -21.74 -12.64 6.24
C ILE A 324 -21.71 -13.35 4.90
N ARG A 325 -22.89 -13.66 4.36
CA ARG A 325 -22.97 -14.28 3.05
C ARG A 325 -24.22 -13.78 2.35
N GLY A 326 -24.15 -13.71 1.02
CA GLY A 326 -25.30 -13.35 0.21
C GLY A 326 -25.68 -11.89 0.22
N GLU A 327 -24.84 -11.00 0.73
CA GLU A 327 -25.20 -9.59 0.87
C GLU A 327 -24.53 -8.75 -0.21
N ARG A 328 -25.01 -7.52 -0.35
CA ARG A 328 -24.39 -6.54 -1.23
C ARG A 328 -23.62 -5.55 -0.35
N LEU A 329 -22.29 -5.52 -0.52
CA LEU A 329 -21.38 -4.83 0.38
C LEU A 329 -20.50 -3.89 -0.43
N ALA A 330 -20.41 -2.65 0.00
CA ALA A 330 -19.59 -1.67 -0.69
C ALA A 330 -18.48 -1.13 0.21
N HIS A 331 -17.34 -0.81 -0.40
CA HIS A 331 -16.28 -0.09 0.29
C HIS A 331 -15.80 1.03 -0.61
N ILE A 332 -15.14 2.02 0.00
CA ILE A 332 -14.68 3.20 -0.71
C ILE A 332 -13.18 3.05 -0.95
N LEU A 333 -12.79 3.01 -2.22
CA LEU A 333 -11.40 3.17 -2.60
C LEU A 333 -11.13 4.66 -2.57
N SER A 334 -10.61 5.14 -1.45
CA SER A 334 -10.66 6.57 -1.17
C SER A 334 -9.55 7.35 -1.86
N GLY A 335 -8.49 6.70 -2.33
CA GLY A 335 -7.39 7.44 -2.94
C GLY A 335 -6.37 6.50 -3.55
N ALA A 336 -5.58 7.06 -4.46
CA ALA A 336 -4.57 6.29 -5.18
C ALA A 336 -3.21 6.96 -5.17
N ASN A 337 -2.94 7.83 -4.20
CA ASN A 337 -1.69 8.59 -4.22
C ASN A 337 -0.67 7.87 -3.35
N VAL A 338 0.02 6.93 -3.97
CA VAL A 338 1.09 6.15 -3.35
C VAL A 338 2.25 6.17 -4.34
N ASN A 339 3.47 6.25 -3.83
CA ASN A 339 4.61 6.30 -4.74
C ASN A 339 4.85 4.92 -5.33
N PHE A 340 5.27 4.89 -6.60
CA PHE A 340 5.44 3.62 -7.31
C PHE A 340 6.33 2.67 -6.53
N HIS A 341 7.45 3.17 -6.01
CA HIS A 341 8.38 2.34 -5.26
C HIS A 341 7.78 1.81 -3.96
N GLY A 342 6.74 2.45 -3.43
CA GLY A 342 6.07 1.91 -2.26
C GLY A 342 5.40 0.56 -2.50
N LEU A 343 5.12 0.22 -3.76
CA LEU A 343 4.47 -1.05 -4.04
C LEU A 343 5.39 -2.25 -3.80
N ARG A 344 6.71 -2.04 -3.74
CA ARG A 344 7.65 -3.16 -3.47
C ARG A 344 7.45 -3.72 -2.06
N TYR A 345 7.37 -2.84 -1.05
CA TYR A 345 7.07 -3.27 0.31
C TYR A 345 5.74 -4.00 0.38
N VAL A 346 4.70 -3.45 -0.26
CA VAL A 346 3.38 -4.09 -0.25
C VAL A 346 3.44 -5.47 -0.85
N SER A 347 4.13 -5.62 -1.98
CA SER A 347 4.23 -6.93 -2.60
C SER A 347 5.02 -7.90 -1.72
N GLU A 348 6.11 -7.42 -1.11
CA GLU A 348 6.93 -8.29 -0.26
C GLU A 348 6.14 -8.75 0.95
N ARG A 349 5.30 -7.89 1.52
CA ARG A 349 4.47 -8.32 2.63
C ARG A 349 3.42 -9.33 2.17
N CYS A 350 2.81 -9.11 1.00
CA CYS A 350 1.82 -10.06 0.49
C CYS A 350 2.44 -11.43 0.27
N GLU A 351 3.68 -11.48 -0.22
CA GLU A 351 4.31 -12.76 -0.52
C GLU A 351 4.46 -13.63 0.73
N LEU A 352 4.66 -13.02 1.90
CA LEU A 352 4.85 -13.82 3.12
C LEU A 352 3.61 -14.63 3.47
N GLY A 353 2.44 -14.14 3.11
CA GLY A 353 1.19 -14.83 3.34
C GLY A 353 0.74 -15.69 2.18
N GLU A 354 1.60 -15.89 1.18
CA GLU A 354 1.26 -16.66 -0.01
C GLU A 354 2.27 -17.81 -0.16
N GLN A 355 2.07 -18.61 -1.21
CA GLN A 355 2.84 -19.82 -1.44
C GLN A 355 3.39 -19.81 -2.86
N ARG A 356 4.12 -18.75 -3.21
CA ARG A 356 4.65 -18.57 -4.55
C ARG A 356 6.03 -19.18 -4.74
N GLU A 357 6.66 -19.68 -3.69
CA GLU A 357 7.99 -20.26 -3.90
C GLU A 357 8.30 -21.26 -2.81
N ALA A 358 9.15 -22.21 -3.14
CA ALA A 358 9.73 -23.11 -2.15
C ALA A 358 11.11 -22.59 -1.82
N LEU A 359 11.48 -22.69 -0.55
CA LEU A 359 12.78 -22.24 -0.06
C LEU A 359 13.45 -23.44 0.57
N LEU A 360 14.66 -23.77 0.10
CA LEU A 360 15.30 -25.02 0.45
C LEU A 360 16.74 -24.79 0.88
N ALA A 361 17.17 -25.54 1.90
CA ALA A 361 18.58 -25.70 2.19
C ALA A 361 18.99 -27.04 1.60
N VAL A 362 19.78 -27.00 0.53
CA VAL A 362 20.22 -28.20 -0.16
C VAL A 362 21.69 -28.42 0.14
N THR A 363 22.02 -29.59 0.67
CA THR A 363 23.39 -29.94 1.00
C THR A 363 23.91 -30.88 -0.08
N ILE A 364 24.92 -30.43 -0.82
CA ILE A 364 25.48 -31.21 -1.93
C ILE A 364 26.99 -31.27 -1.76
N PRO A 365 27.65 -32.25 -2.37
CA PRO A 365 29.11 -32.33 -2.24
C PRO A 365 29.82 -31.15 -2.87
N GLU A 366 31.01 -30.87 -2.33
CA GLU A 366 31.98 -29.94 -2.93
C GLU A 366 32.82 -30.65 -3.98
N GLU A 367 32.16 -31.13 -5.03
CA GLU A 367 32.83 -31.70 -6.19
C GLU A 367 32.41 -30.93 -7.42
N LYS A 368 33.36 -30.66 -8.30
CA LYS A 368 33.07 -29.87 -9.49
C LYS A 368 31.99 -30.55 -10.32
N GLY A 369 30.95 -29.79 -10.67
CA GLY A 369 29.81 -30.30 -11.38
C GLY A 369 28.57 -30.52 -10.53
N SER A 370 28.68 -30.44 -9.20
CA SER A 370 27.54 -30.75 -8.34
C SER A 370 26.41 -29.74 -8.53
N PHE A 371 26.73 -28.46 -8.74
CA PHE A 371 25.68 -27.46 -8.96
C PHE A 371 24.88 -27.77 -10.22
N LEU A 372 25.60 -28.07 -11.31
CA LEU A 372 24.96 -28.45 -12.57
C LEU A 372 24.09 -29.70 -12.41
N LYS A 373 24.60 -30.70 -11.69
CA LYS A 373 23.85 -31.95 -11.56
C LYS A 373 22.55 -31.73 -10.78
N PHE A 374 22.60 -30.92 -9.73
CA PHE A 374 21.39 -30.59 -9.00
C PHE A 374 20.40 -29.82 -9.87
N CYS A 375 20.86 -28.76 -10.54
CA CYS A 375 19.95 -27.97 -11.38
C CYS A 375 19.34 -28.82 -12.49
N GLN A 376 20.08 -29.79 -13.03
CA GLN A 376 19.52 -30.67 -14.06
C GLN A 376 18.29 -31.41 -13.54
N LEU A 377 18.25 -31.70 -12.25
CA LEU A 377 17.06 -32.33 -11.68
C LEU A 377 15.92 -31.33 -11.55
N LEU A 378 16.23 -30.06 -11.29
CA LEU A 378 15.18 -29.04 -11.23
C LEU A 378 14.53 -28.84 -12.58
N GLY A 379 15.29 -29.00 -13.67
CA GLY A 379 14.68 -29.04 -15.00
C GLY A 379 14.20 -27.67 -15.44
N GLY A 380 13.07 -27.66 -16.13
CA GLY A 380 12.50 -26.42 -16.63
C GLY A 380 11.60 -25.70 -15.65
N ARG A 381 12.09 -25.42 -14.45
CA ARG A 381 11.40 -24.60 -13.48
C ARG A 381 12.12 -23.26 -13.34
N SER A 382 11.43 -22.30 -12.75
CA SER A 382 11.98 -20.96 -12.56
C SER A 382 12.63 -20.90 -11.19
N VAL A 383 13.95 -20.79 -11.16
CA VAL A 383 14.70 -20.68 -9.91
C VAL A 383 14.71 -19.23 -9.48
N THR A 384 14.36 -18.97 -8.22
CA THR A 384 14.33 -17.58 -7.75
C THR A 384 15.54 -17.21 -6.89
N GLU A 385 16.20 -18.20 -6.29
CA GLU A 385 17.38 -18.00 -5.46
C GLU A 385 18.30 -19.18 -5.66
N PHE A 386 19.61 -18.92 -5.73
CA PHE A 386 20.60 -20.00 -5.81
C PHE A 386 21.90 -19.45 -5.22
N ASN A 387 22.02 -19.53 -3.89
CA ASN A 387 23.03 -18.75 -3.18
C ASN A 387 23.91 -19.63 -2.31
N TYR A 388 25.22 -19.36 -2.37
CA TYR A 388 26.23 -20.26 -1.80
C TYR A 388 27.51 -19.49 -1.51
N ARG A 389 28.16 -19.84 -0.39
CA ARG A 389 29.52 -19.40 -0.10
C ARG A 389 30.26 -20.57 0.48
N PHE A 390 31.48 -20.81 0.00
CA PHE A 390 32.32 -21.88 0.50
C PHE A 390 32.44 -21.82 2.01
N ALA A 391 32.31 -23.00 2.64
CA ALA A 391 32.46 -23.11 4.09
C ALA A 391 33.19 -24.39 4.43
N ASP A 392 32.53 -25.52 4.22
CA ASP A 392 33.06 -26.83 4.55
C ASP A 392 33.68 -27.47 3.32
N ALA A 393 34.87 -28.06 3.48
CA ALA A 393 35.56 -28.64 2.34
C ALA A 393 34.83 -29.84 1.74
N LYS A 394 33.93 -30.46 2.50
CA LYS A 394 33.26 -31.67 2.05
C LYS A 394 31.88 -31.44 1.47
N ASN A 395 31.05 -30.59 2.09
CA ASN A 395 29.69 -30.39 1.64
C ASN A 395 29.38 -28.91 1.51
N ALA A 396 28.85 -28.54 0.35
CA ALA A 396 28.31 -27.22 0.09
C ALA A 396 26.85 -27.19 0.54
N CYS A 397 26.42 -26.02 1.01
CA CYS A 397 25.02 -25.80 1.31
C CYS A 397 24.50 -24.68 0.45
N ILE A 398 23.43 -24.93 -0.30
CA ILE A 398 22.87 -23.95 -1.21
C ILE A 398 21.51 -23.50 -0.69
N PHE A 399 21.26 -22.21 -0.76
CA PHE A 399 19.94 -21.65 -0.50
C PHE A 399 19.21 -21.56 -1.84
N VAL A 400 18.20 -22.40 -2.04
CA VAL A 400 17.54 -22.54 -3.34
C VAL A 400 16.09 -22.10 -3.21
N GLY A 401 15.65 -21.22 -4.11
CA GLY A 401 14.26 -20.82 -4.21
C GLY A 401 13.68 -21.24 -5.55
N VAL A 402 12.44 -21.72 -5.53
CA VAL A 402 11.80 -22.19 -6.75
C VAL A 402 10.41 -21.59 -6.84
N ARG A 403 10.11 -20.96 -7.96
CA ARG A 403 8.78 -20.42 -8.18
C ARG A 403 7.76 -21.55 -8.17
N LEU A 404 6.64 -21.34 -7.49
CA LEU A 404 5.53 -22.28 -7.51
C LEU A 404 4.32 -21.64 -8.20
N SER A 405 3.54 -22.48 -8.88
CA SER A 405 2.23 -22.08 -9.35
C SER A 405 1.10 -22.85 -8.69
N ARG A 406 1.39 -23.98 -8.06
CA ARG A 406 0.35 -24.79 -7.41
C ARG A 406 0.62 -24.95 -5.92
N GLY A 407 1.35 -24.04 -5.31
CA GLY A 407 1.38 -23.94 -3.85
C GLY A 407 1.98 -25.15 -3.17
N LEU A 408 1.40 -25.51 -2.02
CA LEU A 408 1.99 -26.55 -1.19
C LEU A 408 2.02 -27.88 -1.93
N GLU A 409 0.98 -28.16 -2.71
CA GLU A 409 0.96 -29.36 -3.55
C GLU A 409 2.22 -29.46 -4.39
N GLU A 410 2.56 -28.37 -5.09
CA GLU A 410 3.76 -28.38 -5.93
C GLU A 410 5.03 -28.41 -5.10
N ARG A 411 5.06 -27.68 -3.97
CA ARG A 411 6.23 -27.75 -3.08
C ARG A 411 6.55 -29.19 -2.71
N LYS A 412 5.53 -29.96 -2.30
CA LYS A 412 5.75 -31.36 -1.91
C LYS A 412 6.28 -32.20 -3.08
N GLU A 413 5.78 -31.95 -4.29
CA GLU A 413 6.30 -32.69 -5.44
C GLU A 413 7.78 -32.42 -5.68
N ILE A 414 8.20 -31.17 -5.46
CA ILE A 414 9.62 -30.84 -5.64
C ILE A 414 10.46 -31.50 -4.56
N LEU A 415 10.00 -31.43 -3.30
CA LEU A 415 10.68 -32.13 -2.22
C LEU A 415 10.78 -33.63 -2.52
N GLN A 416 9.68 -34.24 -2.95
CA GLN A 416 9.70 -35.68 -3.22
C GLN A 416 10.65 -36.01 -4.37
N MET A 417 10.63 -35.20 -5.42
CA MET A 417 11.56 -35.41 -6.54
C MET A 417 13.00 -35.27 -6.10
N LEU A 418 13.31 -34.26 -5.28
CA LEU A 418 14.67 -34.10 -4.80
C LEU A 418 15.09 -35.27 -3.90
N ASN A 419 14.19 -35.75 -3.05
CA ASN A 419 14.52 -36.89 -2.20
C ASN A 419 14.74 -38.15 -3.03
N ASP A 420 13.85 -38.42 -3.99
CA ASP A 420 14.02 -39.57 -4.88
C ASP A 420 15.32 -39.48 -5.67
N GLY A 421 15.82 -38.26 -5.91
CA GLY A 421 17.09 -38.05 -6.55
C GLY A 421 18.29 -38.13 -5.63
N GLY A 422 18.09 -38.46 -4.36
CA GLY A 422 19.19 -38.65 -3.44
C GLY A 422 19.78 -37.41 -2.82
N TYR A 423 19.02 -36.31 -2.75
CA TYR A 423 19.55 -35.08 -2.16
C TYR A 423 19.04 -34.90 -0.74
N SER A 424 19.90 -34.35 0.11
CA SER A 424 19.54 -33.95 1.46
C SER A 424 19.01 -32.52 1.42
N VAL A 425 17.72 -32.36 1.68
CA VAL A 425 17.06 -31.07 1.56
C VAL A 425 16.33 -30.79 2.86
N VAL A 426 16.49 -29.58 3.39
CA VAL A 426 15.66 -29.09 4.48
C VAL A 426 14.69 -28.06 3.93
N ASP A 427 13.39 -28.29 4.14
CA ASP A 427 12.38 -27.36 3.66
C ASP A 427 12.38 -26.11 4.55
N LEU A 428 12.65 -24.94 3.96
CA LEU A 428 12.64 -23.67 4.68
C LEU A 428 11.46 -22.79 4.29
N SER A 429 10.47 -23.34 3.57
CA SER A 429 9.42 -22.51 3.00
C SER A 429 8.53 -21.88 4.05
N ASP A 430 8.41 -22.52 5.21
CA ASP A 430 7.60 -21.98 6.30
C ASP A 430 8.46 -21.37 7.40
N ASP A 431 9.77 -21.25 7.17
CA ASP A 431 10.69 -20.68 8.16
C ASP A 431 10.60 -19.16 8.11
N GLU A 432 10.04 -18.54 9.15
CA GLU A 432 9.81 -17.09 9.10
C GLU A 432 11.11 -16.31 8.97
N MET A 433 12.20 -16.79 9.61
CA MET A 433 13.45 -16.08 9.52
C MET A 433 14.06 -16.20 8.12
N ALA A 434 13.94 -17.38 7.49
CA ALA A 434 14.37 -17.51 6.10
C ALA A 434 13.61 -16.54 5.19
N LYS A 435 12.29 -16.46 5.37
CA LYS A 435 11.46 -15.63 4.50
C LYS A 435 11.72 -14.14 4.72
N LEU A 436 11.99 -13.75 5.95
CA LEU A 436 12.09 -12.33 6.30
C LEU A 436 13.52 -11.79 6.27
N HIS A 437 14.53 -12.62 6.60
CA HIS A 437 15.88 -12.13 6.81
C HIS A 437 16.94 -12.91 6.03
N VAL A 438 16.99 -14.23 6.23
CA VAL A 438 18.15 -15.01 5.79
C VAL A 438 18.25 -15.04 4.26
N ARG A 439 17.11 -14.96 3.56
CA ARG A 439 17.14 -14.86 2.10
C ARG A 439 17.88 -13.63 1.60
N TYR A 440 18.19 -12.67 2.48
CA TYR A 440 18.96 -11.48 2.12
C TYR A 440 20.36 -11.50 2.71
N MET A 441 20.81 -12.66 3.22
CA MET A 441 22.02 -12.75 4.03
C MET A 441 22.92 -13.91 3.66
N VAL A 442 22.60 -14.69 2.64
CA VAL A 442 23.42 -15.84 2.31
C VAL A 442 24.61 -15.38 1.47
N GLY A 443 25.80 -15.69 1.93
CA GLY A 443 27.00 -15.23 1.27
C GLY A 443 28.08 -14.96 2.28
N GLY A 444 28.39 -13.67 2.48
CA GLY A 444 29.40 -13.36 3.46
C GLY A 444 30.77 -13.88 3.03
N ARG A 445 31.64 -14.00 4.02
CA ARG A 445 33.05 -14.29 3.90
C ARG A 445 33.32 -15.78 4.09
N PRO A 446 34.32 -16.31 3.39
CA PRO A 446 34.66 -17.74 3.54
C PRO A 446 35.34 -18.02 4.86
N SER A 447 35.37 -19.32 5.20
CA SER A 447 35.96 -19.75 6.47
C SER A 447 37.45 -19.41 6.57
N HIS A 448 38.16 -19.42 5.45
CA HIS A 448 39.53 -18.94 5.39
C HIS A 448 39.72 -18.22 4.06
N PRO A 449 40.74 -17.35 3.96
CA PRO A 449 40.92 -16.59 2.72
C PRO A 449 41.23 -17.50 1.54
N LEU A 450 40.67 -17.16 0.39
CA LEU A 450 40.79 -17.95 -0.82
C LEU A 450 41.44 -17.10 -1.90
N GLN A 451 42.17 -17.77 -2.79
CA GLN A 451 42.63 -17.17 -4.04
C GLN A 451 41.50 -17.34 -5.06
N GLU A 452 40.74 -16.28 -5.27
CA GLU A 452 39.58 -16.37 -6.13
C GLU A 452 39.50 -15.14 -7.03
N ARG A 453 38.78 -15.28 -8.13
CA ARG A 453 38.42 -14.19 -9.00
C ARG A 453 36.91 -14.14 -9.12
N LEU A 454 36.38 -12.93 -9.37
CA LEU A 454 34.96 -12.64 -9.28
C LEU A 454 34.45 -12.20 -10.65
N TYR A 455 33.31 -12.75 -11.07
CA TYR A 455 32.74 -12.45 -12.38
C TYR A 455 31.23 -12.28 -12.26
N SER A 456 30.69 -11.33 -13.01
CA SER A 456 29.24 -11.18 -13.14
C SER A 456 28.81 -11.67 -14.52
N PHE A 457 27.57 -12.17 -14.58
CA PHE A 457 27.02 -12.76 -15.80
C PHE A 457 25.58 -12.31 -15.96
N GLU A 458 25.11 -12.34 -17.20
CA GLU A 458 23.73 -12.00 -17.50
C GLU A 458 23.24 -12.87 -18.64
N PHE A 459 22.01 -13.38 -18.51
CA PHE A 459 21.41 -14.17 -19.58
C PHE A 459 19.90 -13.91 -19.64
N PRO A 460 19.28 -14.11 -20.79
CA PRO A 460 17.83 -13.97 -20.87
C PRO A 460 17.15 -14.97 -19.95
N GLU A 461 16.08 -14.50 -19.29
CA GLU A 461 15.42 -15.30 -18.27
C GLU A 461 14.30 -16.11 -18.88
N SER A 462 14.30 -17.41 -18.61
CA SER A 462 13.29 -18.35 -19.05
C SER A 462 13.43 -19.62 -18.22
N PRO A 463 12.41 -20.47 -18.21
CA PRO A 463 12.56 -21.74 -17.49
C PRO A 463 13.78 -22.51 -18.00
N GLY A 464 14.59 -23.00 -17.07
CA GLY A 464 15.81 -23.70 -17.41
C GLY A 464 16.99 -22.82 -17.76
N ALA A 465 16.86 -21.50 -17.64
CA ALA A 465 17.94 -20.61 -18.09
C ALA A 465 19.16 -20.74 -17.20
N LEU A 466 18.95 -20.89 -15.89
CA LEU A 466 20.09 -21.06 -15.00
C LEU A 466 20.78 -22.40 -15.27
N LEU A 467 19.98 -23.43 -15.51
CA LEU A 467 20.51 -24.74 -15.88
C LEU A 467 21.40 -24.63 -17.12
N ARG A 468 20.91 -23.97 -18.16
CA ARG A 468 21.69 -23.87 -19.38
C ARG A 468 22.95 -23.06 -19.17
N PHE A 469 22.89 -22.05 -18.29
CA PHE A 469 24.08 -21.28 -17.95
C PHE A 469 25.11 -22.16 -17.24
N LEU A 470 24.67 -22.92 -16.24
CA LEU A 470 25.58 -23.80 -15.52
C LEU A 470 26.14 -24.88 -16.44
N ASN A 471 25.31 -25.41 -17.34
CA ASN A 471 25.81 -26.37 -18.32
C ASN A 471 26.91 -25.76 -19.17
N THR A 472 26.75 -24.49 -19.56
CA THR A 472 27.77 -23.83 -20.37
C THR A 472 29.01 -23.54 -19.56
N LEU A 473 28.83 -23.05 -18.32
CA LEU A 473 29.96 -22.75 -17.45
C LEU A 473 30.83 -23.98 -17.24
N GLY A 474 30.21 -25.13 -17.06
CA GLY A 474 30.93 -26.38 -17.02
C GLY A 474 31.47 -26.72 -15.65
N THR A 475 32.41 -27.65 -15.66
CA THR A 475 32.99 -28.21 -14.46
C THR A 475 34.46 -27.85 -14.26
N TYR A 476 35.05 -27.10 -15.18
CA TYR A 476 36.49 -26.85 -15.07
C TYR A 476 36.84 -26.05 -13.82
N TRP A 477 35.97 -25.14 -13.39
CA TRP A 477 36.29 -24.22 -12.32
C TRP A 477 35.55 -24.57 -11.03
N ASN A 478 36.25 -24.48 -9.91
CA ASN A 478 35.63 -24.65 -8.60
C ASN A 478 34.98 -23.35 -8.16
N ILE A 479 33.66 -23.37 -8.02
CA ILE A 479 32.90 -22.20 -7.59
C ILE A 479 33.02 -22.06 -6.08
N SER A 480 33.39 -20.86 -5.62
CA SER A 480 33.49 -20.58 -4.20
C SER A 480 32.42 -19.61 -3.71
N LEU A 481 31.69 -18.98 -4.63
CA LEU A 481 30.63 -18.04 -4.30
C LEU A 481 29.65 -18.08 -5.46
N PHE A 482 28.36 -17.95 -5.14
CA PHE A 482 27.33 -17.90 -6.17
C PHE A 482 26.16 -17.12 -5.61
N HIS A 483 25.73 -16.11 -6.34
CA HIS A 483 24.53 -15.37 -5.96
C HIS A 483 23.65 -15.22 -7.18
N TYR A 484 22.38 -15.56 -7.03
CA TYR A 484 21.42 -15.46 -8.12
C TYR A 484 20.06 -15.22 -7.50
N ARG A 485 19.50 -14.04 -7.76
CA ARG A 485 18.22 -13.62 -7.20
C ARG A 485 17.35 -13.20 -8.36
N SER A 486 16.27 -13.94 -8.62
CA SER A 486 15.46 -13.67 -9.79
C SER A 486 13.99 -13.62 -9.42
N HIS A 487 13.26 -12.68 -10.01
CA HIS A 487 11.81 -12.67 -9.96
C HIS A 487 11.18 -13.54 -11.04
N GLY A 488 12.01 -14.19 -11.88
CA GLY A 488 11.52 -15.08 -12.90
C GLY A 488 11.24 -14.45 -14.24
N THR A 489 11.67 -13.21 -14.46
CA THR A 489 11.34 -12.50 -15.70
C THR A 489 12.57 -11.78 -16.22
N ASP A 490 12.56 -11.54 -17.55
CA ASP A 490 13.48 -10.63 -18.22
C ASP A 490 14.90 -11.19 -18.33
N TYR A 491 15.79 -10.84 -17.39
CA TYR A 491 17.16 -11.31 -17.45
C TYR A 491 17.59 -11.87 -16.10
N GLY A 492 18.34 -12.97 -16.15
CA GLY A 492 18.97 -13.52 -14.96
C GLY A 492 20.36 -12.96 -14.82
N ARG A 493 20.74 -12.64 -13.58
CA ARG A 493 22.01 -11.97 -13.30
C ARG A 493 22.71 -12.76 -12.19
N VAL A 494 23.88 -13.30 -12.50
CA VAL A 494 24.64 -14.15 -11.59
C VAL A 494 25.93 -13.44 -11.18
N LEU A 495 26.25 -13.53 -9.89
CA LEU A 495 27.59 -13.24 -9.39
C LEU A 495 28.23 -14.54 -8.93
N ALA A 496 29.45 -14.80 -9.42
CA ALA A 496 30.15 -16.04 -9.07
C ALA A 496 31.62 -15.75 -8.87
N ALA A 497 32.21 -16.42 -7.88
CA ALA A 497 33.65 -16.43 -7.67
C ALA A 497 34.19 -17.83 -7.89
N PHE A 498 35.38 -17.92 -8.47
CA PHE A 498 36.05 -19.17 -8.80
C PHE A 498 37.43 -19.20 -8.16
N GLU A 499 37.80 -20.35 -7.60
CA GLU A 499 39.15 -20.52 -7.05
C GLU A 499 40.17 -20.76 -8.16
N LEU A 500 41.40 -20.36 -7.89
CA LEU A 500 42.50 -20.54 -8.83
C LEU A 500 43.01 -21.99 -8.87
N TYR A 516 26.05 -15.06 -23.53
CA TYR A 516 26.30 -14.81 -22.11
C TYR A 516 27.24 -13.64 -21.89
N ASP A 517 26.68 -12.50 -21.57
CA ASP A 517 27.48 -11.39 -21.09
C ASP A 517 28.24 -11.81 -19.84
N CYS A 518 29.48 -11.33 -19.73
CA CYS A 518 30.36 -11.70 -18.63
C CYS A 518 31.33 -10.56 -18.40
N HIS A 519 31.50 -10.14 -17.14
CA HIS A 519 32.40 -9.05 -16.78
C HIS A 519 33.23 -9.46 -15.59
N ASP A 520 34.53 -9.17 -15.65
CA ASP A 520 35.43 -9.42 -14.54
C ASP A 520 35.20 -8.39 -13.42
N GLU A 521 34.84 -8.88 -12.23
CA GLU A 521 34.59 -8.02 -11.08
C GLU A 521 35.62 -8.20 -9.98
N THR A 522 36.76 -8.81 -10.31
CA THR A 522 37.75 -9.13 -9.29
C THR A 522 38.21 -7.88 -8.56
N ASN A 523 38.24 -7.96 -7.24
CA ASN A 523 38.62 -6.90 -6.32
C ASN A 523 37.61 -5.77 -6.30
N ASN A 524 36.38 -6.07 -6.66
CA ASN A 524 35.29 -5.11 -6.49
C ASN A 524 35.26 -4.64 -5.04
N PRO A 525 35.16 -3.33 -4.79
CA PRO A 525 35.24 -2.85 -3.40
C PRO A 525 34.19 -3.45 -2.47
N ALA A 526 32.97 -3.66 -2.96
CA ALA A 526 31.94 -4.25 -2.09
C ALA A 526 32.30 -5.69 -1.73
N PHE A 527 32.81 -6.46 -2.69
CA PHE A 527 33.34 -7.78 -2.40
C PHE A 527 34.43 -7.71 -1.33
N ARG A 528 35.39 -6.80 -1.51
CA ARG A 528 36.53 -6.72 -0.56
C ARG A 528 36.05 -6.47 0.86
N PHE A 529 35.08 -5.58 1.08
CA PHE A 529 34.68 -5.25 2.44
C PHE A 529 33.76 -6.29 3.08
N PHE A 530 32.94 -6.99 2.29
CA PHE A 530 31.89 -7.82 2.86
C PHE A 530 31.93 -9.29 2.47
N LEU A 531 32.71 -9.67 1.46
CA LEU A 531 32.72 -11.06 0.99
C LEU A 531 34.08 -11.71 1.00
N ALA A 532 35.16 -10.93 0.93
CA ALA A 532 36.51 -11.47 0.87
C ALA A 532 36.90 -12.11 2.20
N GLY A 533 37.68 -13.17 2.12
CA GLY A 533 38.17 -13.84 3.30
C GLY A 533 39.31 -13.05 3.91
#